data_8Z2X
#
_entry.id   8Z2X
#
_cell.length_a   80.890
_cell.length_b   80.890
_cell.length_c   113.690
_cell.angle_alpha   90.00
_cell.angle_beta   90.00
_cell.angle_gamma   120.00
#
_symmetry.space_group_name_H-M   'P 32 2 1'
#
loop_
_entity.id
_entity.type
_entity.pdbx_description
1 polymer 'Glucan 1,3-beta-glucosidase A'
2 branched beta-D-glucopyranose-(1-4)-beta-D-glucopyranose
3 non-polymer beta-D-glucopyranose
4 non-polymer 'SODIUM ION'
5 water water
#
_entity_poly.entity_id   1
_entity_poly.type   'polypeptide(L)'
_entity_poly.pdbx_seq_one_letter_code
;MLPLLLCIVPYCWSSRLDPRASSFDYNGEKVRGVNLGGWLVLEPWITPSIFDAAGAEAVDEWSLTKILGKEEAEARLSAH
WKSFVSAGDFQRMADAGLNHVRIPIGYWALGPLEGDPYVDGQLEYLDKAVEWAGAAGLKVLIDLHGAPGSQNGFDNSGRR
GAIQWQQGDTVEQTLDAFDLLAERYLGSDTVAAIEAINEPNIPGGVDQGKLQEYYGSVYGIVNKYNAGTSVVYGDGFLPV
ESWNGFKTEGSKVVMDTHHYHMFDNGLIAMDIDSHIDAVCQFAHQHLEASDKPVIVGEWTGAVTDCAKYLNGKGNGARYD
GSYAADKAIGDCSSLATGFVSKLSDEERSDMRRFIEAQLDAFELKSGWVFWTWKTEGAPGWDMSDLLEAGVFPTSPDDRE
FPKQCHHHHHH
;
_entity_poly.pdbx_strand_id   A
#
loop_
_chem_comp.id
_chem_comp.type
_chem_comp.name
_chem_comp.formula
BGC D-saccharide, beta linking beta-D-glucopyranose 'C6 H12 O6'
NA non-polymer 'SODIUM ION' 'Na 1'
#
# COMPACT_ATOMS: atom_id res chain seq x y z
N SER A 22 0.58 -14.37 17.53
CA SER A 22 1.28 -15.63 17.42
C SER A 22 1.36 -16.13 15.96
N SER A 23 0.55 -15.69 14.96
CA SER A 23 0.80 -16.18 13.58
C SER A 23 2.19 -15.73 13.10
N PHE A 24 2.52 -14.46 13.33
CA PHE A 24 3.87 -13.92 13.00
C PHE A 24 4.34 -13.09 14.17
N ASP A 25 5.62 -13.21 14.47
CA ASP A 25 6.19 -12.50 15.63
C ASP A 25 6.62 -11.10 15.16
N TYR A 26 5.68 -10.15 15.13
CA TYR A 26 5.99 -8.76 14.68
C TYR A 26 6.98 -8.07 15.61
N ASN A 27 7.00 -8.50 16.85
CA ASN A 27 7.90 -7.91 17.86
C ASN A 27 9.34 -8.30 17.58
N GLY A 28 9.60 -9.50 17.07
CA GLY A 28 10.92 -10.13 17.08
C GLY A 28 11.44 -10.45 15.70
N GLU A 29 10.64 -10.43 14.63
CA GLU A 29 11.11 -10.86 13.29
C GLU A 29 10.79 -9.76 12.28
N LYS A 30 11.58 -9.69 11.23
CA LYS A 30 11.46 -8.54 10.29
C LYS A 30 10.47 -8.92 9.20
N VAL A 31 9.53 -8.03 8.98
CA VAL A 31 8.60 -8.12 7.83
C VAL A 31 9.38 -7.76 6.58
N ARG A 32 9.25 -8.55 5.53
CA ARG A 32 9.84 -8.29 4.19
C ARG A 32 8.74 -8.60 3.21
N GLY A 33 8.12 -7.55 2.68
CA GLY A 33 6.87 -7.76 1.95
C GLY A 33 6.76 -6.94 0.68
N VAL A 34 5.72 -7.28 -0.05
CA VAL A 34 5.28 -6.45 -1.18
C VAL A 34 3.76 -6.32 -1.12
N ASN A 35 3.27 -5.24 -1.70
CA ASN A 35 1.85 -5.00 -1.90
C ASN A 35 1.40 -5.56 -3.26
N LEU A 36 0.18 -6.09 -3.30
CA LEU A 36 -0.53 -6.33 -4.58
C LEU A 36 -1.47 -5.16 -4.87
N GLY A 37 -0.86 -3.98 -5.02
CA GLY A 37 -1.63 -2.79 -5.40
C GLY A 37 -2.28 -2.95 -6.77
N GLY A 38 -3.44 -2.35 -6.93
CA GLY A 38 -4.10 -2.29 -8.25
C GLY A 38 -4.80 -3.58 -8.64
N TRP A 39 -4.76 -4.62 -7.81
CA TRP A 39 -5.32 -5.94 -8.18
C TRP A 39 -6.81 -5.95 -7.86
N LEU A 40 -7.19 -6.00 -6.60
CA LEU A 40 -8.61 -6.11 -6.19
C LEU A 40 -9.21 -4.70 -5.93
N VAL A 41 -8.37 -3.67 -5.87
CA VAL A 41 -8.81 -2.26 -5.86
C VAL A 41 -8.05 -1.61 -6.99
N LEU A 42 -8.74 -1.28 -8.06
CA LEU A 42 -8.03 -0.79 -9.26
C LEU A 42 -7.62 0.65 -9.04
N GLU A 43 -6.49 1.04 -9.63
CA GLU A 43 -5.95 2.40 -9.57
C GLU A 43 -5.46 2.83 -10.95
N PRO A 44 -5.88 4.02 -11.42
CA PRO A 44 -5.45 4.45 -12.76
C PRO A 44 -3.95 4.39 -13.02
N TRP A 45 -3.09 4.77 -12.10
CA TRP A 45 -1.64 4.80 -12.40
C TRP A 45 -1.06 3.38 -12.51
N ILE A 46 -1.68 2.40 -11.83
CA ILE A 46 -1.15 1.00 -11.82
C ILE A 46 -1.61 0.31 -13.10
N THR A 47 -2.87 0.47 -13.49
CA THR A 47 -3.34 -0.12 -14.78
C THR A 47 -4.01 0.96 -15.61
N PRO A 48 -3.25 1.93 -16.16
CA PRO A 48 -3.87 3.01 -16.93
C PRO A 48 -4.70 2.51 -18.12
N SER A 49 -4.27 1.43 -18.77
CA SER A 49 -4.99 0.88 -19.95
C SER A 49 -6.47 0.63 -19.65
N ILE A 50 -6.80 0.15 -18.47
CA ILE A 50 -8.20 -0.22 -18.13
C ILE A 50 -9.04 1.07 -18.01
N PHE A 51 -8.50 2.09 -17.37
CA PHE A 51 -9.22 3.38 -17.26
C PHE A 51 -9.28 4.09 -18.62
N ASP A 52 -8.21 4.05 -19.39
CA ASP A 52 -8.19 4.83 -20.65
C ASP A 52 -9.14 4.16 -21.66
N ALA A 53 -9.33 2.85 -21.59
CA ALA A 53 -10.29 2.12 -22.47
C ALA A 53 -11.72 2.59 -22.18
N ALA A 54 -12.00 3.11 -20.98
CA ALA A 54 -13.37 3.58 -20.64
C ALA A 54 -13.52 5.09 -20.78
N GLY A 55 -12.47 5.78 -21.18
CA GLY A 55 -12.59 7.21 -21.53
C GLY A 55 -12.26 8.16 -20.41
N ALA A 56 -12.42 9.46 -20.69
CA ALA A 56 -11.93 10.55 -19.82
C ALA A 56 -12.64 10.59 -18.46
N GLU A 57 -13.90 10.18 -18.35
CA GLU A 57 -14.64 10.25 -17.05
C GLU A 57 -14.24 9.09 -16.11
N ALA A 58 -13.60 8.02 -16.61
CA ALA A 58 -13.18 6.85 -15.80
C ALA A 58 -11.88 7.24 -15.06
N VAL A 59 -12.01 7.76 -13.83
CA VAL A 59 -10.84 8.29 -13.08
C VAL A 59 -10.66 7.54 -11.75
N ASP A 60 -11.48 6.57 -11.47
CA ASP A 60 -11.36 5.75 -10.23
C ASP A 60 -12.27 4.53 -10.41
N GLU A 61 -12.24 3.59 -9.45
CA GLU A 61 -13.00 2.35 -9.66
C GLU A 61 -14.51 2.70 -9.69
N TRP A 62 -14.93 3.66 -8.87
CA TRP A 62 -16.35 4.08 -8.81
C TRP A 62 -16.80 4.55 -10.19
N SER A 63 -16.04 5.51 -10.82
CA SER A 63 -16.48 6.10 -12.11
C SER A 63 -16.32 5.09 -13.25
N LEU A 64 -15.26 4.26 -13.19
CA LEU A 64 -15.02 3.22 -14.20
C LEU A 64 -16.24 2.28 -14.22
N THR A 65 -16.60 1.69 -13.08
CA THR A 65 -17.74 0.72 -13.02
C THR A 65 -19.04 1.44 -13.40
N LYS A 66 -19.22 2.70 -12.99
CA LYS A 66 -20.47 3.44 -13.34
C LYS A 66 -20.59 3.59 -14.87
N ILE A 67 -19.51 3.97 -15.52
CA ILE A 67 -19.50 4.20 -16.99
C ILE A 67 -19.71 2.89 -17.72
N LEU A 68 -19.11 1.79 -17.27
CA LEU A 68 -19.22 0.50 -17.99
C LEU A 68 -20.63 -0.08 -17.76
N GLY A 69 -21.22 0.17 -16.61
CA GLY A 69 -22.41 -0.52 -16.10
C GLY A 69 -22.06 -1.89 -15.54
N LYS A 70 -22.98 -2.51 -14.82
CA LYS A 70 -22.70 -3.71 -13.98
C LYS A 70 -22.17 -4.89 -14.82
N GLU A 71 -22.81 -5.20 -15.94
CA GLU A 71 -22.44 -6.41 -16.72
C GLU A 71 -21.05 -6.24 -17.29
N GLU A 72 -20.80 -5.14 -17.98
CA GLU A 72 -19.51 -4.93 -18.67
C GLU A 72 -18.43 -4.70 -17.60
N ALA A 73 -18.78 -4.04 -16.47
CA ALA A 73 -17.79 -3.86 -15.38
C ALA A 73 -17.35 -5.23 -14.86
N GLU A 74 -18.30 -6.12 -14.59
CA GLU A 74 -17.94 -7.47 -14.09
C GLU A 74 -17.04 -8.16 -15.11
N ALA A 75 -17.36 -8.06 -16.40
CA ALA A 75 -16.54 -8.68 -17.49
C ALA A 75 -15.11 -8.15 -17.44
N ARG A 76 -14.94 -6.84 -17.48
CA ARG A 76 -13.59 -6.27 -17.63
C ARG A 76 -12.81 -6.43 -16.33
N LEU A 77 -13.43 -6.20 -15.18
CA LEU A 77 -12.67 -6.28 -13.91
C LEU A 77 -12.34 -7.73 -13.62
N SER A 78 -13.23 -8.69 -13.90
CA SER A 78 -12.93 -10.11 -13.61
C SER A 78 -11.79 -10.59 -14.53
N ALA A 79 -11.70 -10.12 -15.76
CA ALA A 79 -10.59 -10.48 -16.67
C ALA A 79 -9.28 -10.02 -16.01
N HIS A 80 -9.29 -8.83 -15.44
CA HIS A 80 -8.11 -8.31 -14.72
C HIS A 80 -7.84 -9.13 -13.46
N TRP A 81 -8.85 -9.38 -12.62
CA TRP A 81 -8.60 -10.12 -11.36
C TRP A 81 -7.93 -11.48 -11.69
N LYS A 82 -8.39 -12.11 -12.75
CA LYS A 82 -7.97 -13.49 -13.12
C LYS A 82 -6.57 -13.46 -13.74
N SER A 83 -6.21 -12.43 -14.49
CA SER A 83 -4.95 -12.41 -15.28
C SER A 83 -3.81 -11.73 -14.50
N PHE A 84 -4.11 -10.79 -13.58
CA PHE A 84 -3.05 -9.92 -13.00
C PHE A 84 -2.19 -10.69 -12.00
N VAL A 85 -2.71 -11.75 -11.39
CA VAL A 85 -2.07 -12.51 -10.27
C VAL A 85 -2.30 -14.01 -10.45
N SER A 86 -1.21 -14.76 -10.34
CA SER A 86 -1.24 -16.22 -10.33
C SER A 86 -0.38 -16.75 -9.20
N ALA A 87 -0.44 -18.05 -8.95
CA ALA A 87 0.47 -18.67 -7.95
C ALA A 87 1.91 -18.29 -8.27
N GLY A 88 2.25 -18.16 -9.55
CA GLY A 88 3.64 -17.82 -9.91
C GLY A 88 4.13 -16.50 -9.33
N ASP A 89 3.28 -15.48 -9.23
CA ASP A 89 3.64 -14.22 -8.56
C ASP A 89 4.15 -14.52 -7.16
N PHE A 90 3.45 -15.36 -6.42
CA PHE A 90 3.77 -15.64 -5.00
C PHE A 90 5.11 -16.37 -4.89
N GLN A 91 5.32 -17.37 -5.74
CA GLN A 91 6.60 -18.09 -5.80
C GLN A 91 7.73 -17.11 -6.07
N ARG A 92 7.56 -16.17 -6.99
CA ARG A 92 8.62 -15.18 -7.29
C ARG A 92 8.84 -14.26 -6.09
N MET A 93 7.79 -13.91 -5.39
CA MET A 93 7.94 -13.11 -4.15
C MET A 93 8.79 -13.87 -3.13
N ALA A 94 8.50 -15.13 -2.89
CA ALA A 94 9.29 -15.95 -1.94
C ALA A 94 10.75 -16.05 -2.43
N ASP A 95 10.97 -16.25 -3.71
CA ASP A 95 12.32 -16.40 -4.27
C ASP A 95 13.10 -15.10 -4.09
N ALA A 96 12.45 -13.96 -3.97
CA ALA A 96 13.07 -12.62 -3.72
C ALA A 96 13.33 -12.37 -2.23
N GLY A 97 13.05 -13.32 -1.35
CA GLY A 97 13.37 -13.19 0.08
C GLY A 97 12.26 -12.56 0.90
N LEU A 98 11.06 -12.51 0.35
CA LEU A 98 9.95 -11.93 1.10
C LEU A 98 9.30 -12.98 2.00
N ASN A 99 8.65 -12.48 3.05
CA ASN A 99 7.84 -13.30 3.98
C ASN A 99 6.37 -12.81 4.05
N HIS A 100 6.01 -11.69 3.42
CA HIS A 100 4.68 -11.08 3.53
C HIS A 100 4.16 -10.61 2.16
N VAL A 101 2.86 -10.61 2.03
CA VAL A 101 2.18 -9.92 0.91
C VAL A 101 1.00 -9.16 1.52
N ARG A 102 0.96 -7.86 1.26
CA ARG A 102 -0.15 -7.00 1.70
C ARG A 102 -1.13 -6.88 0.54
N ILE A 103 -2.40 -7.17 0.78
CA ILE A 103 -3.40 -7.23 -0.30
C ILE A 103 -4.54 -6.28 0.00
N PRO A 104 -4.57 -5.14 -0.72
CA PRO A 104 -5.70 -4.24 -0.72
C PRO A 104 -6.99 -4.90 -1.20
N ILE A 105 -8.07 -4.63 -0.47
CA ILE A 105 -9.42 -5.01 -0.94
C ILE A 105 -10.38 -3.89 -0.55
N GLY A 106 -11.42 -3.64 -1.33
CA GLY A 106 -12.38 -2.58 -1.01
C GLY A 106 -13.60 -3.10 -0.28
N TYR A 107 -14.32 -2.22 0.42
CA TYR A 107 -15.52 -2.68 1.16
C TYR A 107 -16.50 -3.35 0.20
N TRP A 108 -16.54 -2.91 -1.06
CA TRP A 108 -17.52 -3.36 -2.07
C TRP A 108 -17.33 -4.84 -2.43
N ALA A 109 -16.15 -5.39 -2.17
CA ALA A 109 -15.91 -6.84 -2.34
C ALA A 109 -16.82 -7.65 -1.38
N LEU A 110 -17.29 -7.06 -0.28
CA LEU A 110 -18.20 -7.75 0.68
C LEU A 110 -19.66 -7.49 0.31
N GLY A 111 -19.96 -6.86 -0.84
CA GLY A 111 -21.31 -6.53 -1.33
C GLY A 111 -21.44 -5.02 -1.47
N PRO A 112 -21.54 -4.52 -2.69
CA PRO A 112 -21.70 -3.07 -2.90
C PRO A 112 -22.95 -2.58 -2.20
N LEU A 113 -22.93 -1.37 -1.66
CA LEU A 113 -24.10 -0.75 -1.04
C LEU A 113 -25.10 -0.43 -2.17
N GLU A 114 -26.37 -0.35 -1.76
CA GLU A 114 -27.50 0.01 -2.64
C GLU A 114 -27.06 1.29 -3.36
N GLY A 115 -27.11 1.29 -4.67
CA GLY A 115 -26.74 2.50 -5.42
C GLY A 115 -25.27 2.58 -5.81
N ASP A 116 -24.39 1.77 -5.25
CA ASP A 116 -22.97 1.82 -5.69
C ASP A 116 -22.84 1.23 -7.07
N PRO A 117 -21.96 1.78 -7.92
CA PRO A 117 -21.70 1.19 -9.24
C PRO A 117 -20.78 -0.03 -9.16
N TYR A 118 -20.08 -0.15 -8.04
CA TYR A 118 -19.06 -1.23 -7.86
C TYR A 118 -19.64 -2.62 -8.13
N VAL A 119 -18.80 -3.48 -8.69
CA VAL A 119 -19.08 -4.94 -8.81
C VAL A 119 -18.25 -5.69 -7.79
N ASP A 120 -18.77 -6.84 -7.37
CA ASP A 120 -18.06 -7.76 -6.47
C ASP A 120 -17.61 -8.98 -7.26
N GLY A 121 -17.01 -9.92 -6.55
CA GLY A 121 -16.39 -11.14 -7.09
C GLY A 121 -14.95 -11.29 -6.65
N GLN A 122 -14.41 -10.24 -6.04
CA GLN A 122 -12.98 -10.22 -5.63
C GLN A 122 -12.69 -11.33 -4.61
N LEU A 123 -13.65 -11.70 -3.77
CA LEU A 123 -13.34 -12.70 -2.68
C LEU A 123 -12.87 -14.03 -3.28
N GLU A 124 -13.40 -14.43 -4.43
CA GLU A 124 -12.94 -15.68 -5.08
C GLU A 124 -11.43 -15.62 -5.30
N TYR A 125 -10.93 -14.45 -5.70
CA TYR A 125 -9.50 -14.23 -6.03
C TYR A 125 -8.68 -14.04 -4.78
N LEU A 126 -9.20 -13.35 -3.76
CA LEU A 126 -8.49 -13.30 -2.46
C LEU A 126 -8.35 -14.71 -1.86
N ASP A 127 -9.39 -15.54 -1.99
CA ASP A 127 -9.30 -16.94 -1.55
C ASP A 127 -8.09 -17.61 -2.21
N LYS A 128 -7.91 -17.44 -3.51
CA LYS A 128 -6.74 -18.07 -4.22
C LYS A 128 -5.44 -17.49 -3.68
N ALA A 129 -5.38 -16.18 -3.45
CA ALA A 129 -4.14 -15.55 -2.95
C ALA A 129 -3.75 -16.21 -1.63
N VAL A 130 -4.70 -16.44 -0.73
CA VAL A 130 -4.35 -17.03 0.59
C VAL A 130 -3.76 -18.42 0.35
N GLU A 131 -4.36 -19.20 -0.52
CA GLU A 131 -3.82 -20.56 -0.83
C GLU A 131 -2.43 -20.45 -1.45
N TRP A 132 -2.26 -19.55 -2.42
CA TRP A 132 -1.00 -19.42 -3.18
C TRP A 132 0.10 -18.91 -2.25
N ALA A 133 -0.23 -17.94 -1.40
CA ALA A 133 0.71 -17.40 -0.40
C ALA A 133 1.18 -18.52 0.52
N GLY A 134 0.27 -19.32 1.03
CA GLY A 134 0.58 -20.46 1.92
C GLY A 134 1.53 -21.42 1.22
N ALA A 135 1.23 -21.78 -0.01
CA ALA A 135 2.05 -22.74 -0.79
C ALA A 135 3.45 -22.18 -0.94
N ALA A 136 3.62 -20.85 -1.03
CA ALA A 136 4.91 -20.21 -1.27
C ALA A 136 5.61 -19.89 0.06
N GLY A 137 4.97 -20.13 1.19
CA GLY A 137 5.58 -19.89 2.51
C GLY A 137 5.42 -18.46 2.98
N LEU A 138 4.46 -17.71 2.44
CA LEU A 138 4.32 -16.27 2.72
C LEU A 138 3.15 -16.09 3.69
N LYS A 139 3.22 -15.02 4.49
CA LYS A 139 2.03 -14.51 5.22
C LYS A 139 1.28 -13.52 4.33
N VAL A 140 -0.02 -13.39 4.61
CA VAL A 140 -0.89 -12.39 3.97
C VAL A 140 -1.31 -11.38 5.04
N LEU A 141 -1.18 -10.10 4.69
CA LEU A 141 -1.77 -8.98 5.47
C LEU A 141 -2.91 -8.43 4.65
N ILE A 142 -4.14 -8.74 5.01
CA ILE A 142 -5.34 -8.22 4.31
C ILE A 142 -5.50 -6.76 4.68
N ASP A 143 -5.72 -5.89 3.70
CA ASP A 143 -5.81 -4.44 3.95
C ASP A 143 -7.16 -3.93 3.42
N LEU A 144 -8.05 -3.49 4.29
CA LEU A 144 -9.31 -2.83 3.86
C LEU A 144 -8.93 -1.45 3.31
N HIS A 145 -8.86 -1.31 2.00
CA HIS A 145 -8.18 -0.18 1.34
C HIS A 145 -9.17 0.93 0.99
N GLY A 146 -10.47 0.62 0.98
CA GLY A 146 -11.52 1.59 0.68
C GLY A 146 -12.72 1.37 1.57
N ALA A 147 -13.23 2.45 2.12
CA ALA A 147 -14.39 2.45 3.05
C ALA A 147 -15.50 3.27 2.44
N PRO A 148 -16.75 2.96 2.82
CA PRO A 148 -17.90 3.75 2.37
C PRO A 148 -17.70 5.25 2.62
N GLY A 149 -17.95 6.07 1.58
CA GLY A 149 -17.85 7.53 1.63
C GLY A 149 -16.47 8.00 1.31
N SER A 150 -15.48 7.12 1.35
CA SER A 150 -14.03 7.41 1.19
C SER A 150 -13.45 8.00 2.49
N GLN A 151 -12.44 7.30 3.01
CA GLN A 151 -11.68 7.70 4.20
C GLN A 151 -10.58 8.72 3.88
N ASN A 152 -10.31 9.02 2.61
CA ASN A 152 -9.14 9.89 2.27
C ASN A 152 -9.33 10.81 1.06
N GLY A 153 -10.34 10.57 0.22
CA GLY A 153 -10.53 11.33 -1.04
C GLY A 153 -9.62 10.97 -2.16
N PHE A 154 -8.81 9.93 -2.01
CA PHE A 154 -7.90 9.47 -3.07
C PHE A 154 -8.63 8.51 -4.00
N ASP A 155 -8.18 8.46 -5.25
CA ASP A 155 -8.73 7.47 -6.21
C ASP A 155 -8.54 6.06 -5.66
N ASN A 156 -7.44 5.81 -4.94
CA ASN A 156 -7.15 4.46 -4.40
C ASN A 156 -8.13 4.02 -3.28
N SER A 157 -9.00 4.89 -2.80
CA SER A 157 -10.07 4.50 -1.86
C SER A 157 -11.26 3.90 -2.62
N GLY A 158 -11.26 4.02 -3.96
CA GLY A 158 -12.41 3.65 -4.79
C GLY A 158 -13.01 4.86 -5.48
N ARG A 159 -13.04 5.99 -4.81
CA ARG A 159 -13.71 7.18 -5.31
C ARG A 159 -12.91 8.37 -4.86
N ARG A 160 -12.41 9.16 -5.79
CA ARG A 160 -11.65 10.35 -5.41
C ARG A 160 -12.56 11.56 -5.22
N GLY A 161 -12.07 12.53 -4.49
CA GLY A 161 -12.62 13.91 -4.50
C GLY A 161 -13.33 14.36 -3.25
N ALA A 162 -13.63 13.47 -2.31
CA ALA A 162 -14.39 13.82 -1.09
C ALA A 162 -14.03 12.85 0.02
N ILE A 163 -14.05 13.31 1.26
CA ILE A 163 -13.89 12.46 2.48
C ILE A 163 -15.20 12.42 3.23
N GLN A 164 -16.03 11.46 2.97
CA GLN A 164 -17.41 11.36 3.55
C GLN A 164 -17.44 10.23 4.56
N TRP A 165 -16.37 9.43 4.68
CA TRP A 165 -16.28 8.42 5.74
C TRP A 165 -16.44 9.14 7.08
N GLN A 166 -17.27 8.58 7.96
CA GLN A 166 -17.68 9.08 9.30
C GLN A 166 -18.97 9.88 9.15
N GLN A 167 -19.47 10.20 7.95
CA GLN A 167 -20.84 10.79 7.82
C GLN A 167 -21.87 9.65 7.77
N GLY A 168 -23.11 9.94 8.18
CA GLY A 168 -24.21 8.99 8.01
C GLY A 168 -23.90 7.66 8.70
N ASP A 169 -24.20 6.58 8.02
CA ASP A 169 -24.00 5.21 8.53
C ASP A 169 -22.71 4.63 7.95
N THR A 170 -21.79 5.44 7.43
CA THR A 170 -20.60 4.87 6.75
C THR A 170 -19.76 4.01 7.70
N VAL A 171 -19.55 4.43 8.94
CA VAL A 171 -18.68 3.62 9.84
C VAL A 171 -19.33 2.26 10.14
N GLU A 172 -20.63 2.23 10.46
CA GLU A 172 -21.34 0.94 10.67
C GLU A 172 -21.20 0.07 9.40
N GLN A 173 -21.34 0.66 8.21
CA GLN A 173 -21.20 -0.09 6.95
C GLN A 173 -19.78 -0.63 6.82
N THR A 174 -18.78 0.14 7.27
CA THR A 174 -17.36 -0.32 7.24
C THR A 174 -17.19 -1.53 8.15
N LEU A 175 -17.72 -1.46 9.37
CA LEU A 175 -17.63 -2.58 10.33
C LEU A 175 -18.38 -3.80 9.83
N ASP A 176 -19.51 -3.63 9.13
CA ASP A 176 -20.24 -4.79 8.55
C ASP A 176 -19.34 -5.49 7.54
N ALA A 177 -18.69 -4.72 6.68
CA ALA A 177 -17.78 -5.26 5.63
C ALA A 177 -16.59 -5.93 6.33
N PHE A 178 -16.01 -5.26 7.32
CA PHE A 178 -14.82 -5.78 8.03
C PHE A 178 -15.15 -7.12 8.70
N ASP A 179 -16.31 -7.18 9.33
CA ASP A 179 -16.77 -8.42 10.02
C ASP A 179 -16.84 -9.57 9.01
N LEU A 180 -17.44 -9.38 7.84
CA LEU A 180 -17.54 -10.45 6.81
C LEU A 180 -16.14 -10.90 6.42
N LEU A 181 -15.27 -9.94 6.15
CA LEU A 181 -13.89 -10.20 5.73
C LEU A 181 -13.14 -11.02 6.80
N ALA A 182 -13.28 -10.63 8.07
CA ALA A 182 -12.63 -11.33 9.18
C ALA A 182 -13.17 -12.78 9.28
N GLU A 183 -14.49 -12.93 9.18
CA GLU A 183 -15.11 -14.27 9.21
C GLU A 183 -14.51 -15.18 8.16
N ARG A 184 -14.29 -14.64 6.98
CA ARG A 184 -13.87 -15.46 5.85
C ARG A 184 -12.42 -15.88 6.03
N TYR A 185 -11.56 -15.04 6.60
CA TYR A 185 -10.10 -15.24 6.47
C TYR A 185 -9.33 -15.51 7.77
N LEU A 186 -9.75 -15.00 8.93
CA LEU A 186 -8.78 -14.89 10.05
C LEU A 186 -8.42 -16.23 10.65
N GLY A 187 -9.25 -17.22 10.42
CA GLY A 187 -8.97 -18.62 10.85
C GLY A 187 -7.84 -19.28 10.10
N SER A 188 -7.31 -18.68 9.04
CA SER A 188 -6.11 -19.19 8.34
C SER A 188 -4.87 -18.57 8.99
N ASP A 189 -3.92 -19.39 9.40
CA ASP A 189 -2.62 -18.92 9.95
C ASP A 189 -1.80 -18.24 8.83
N THR A 190 -2.08 -18.48 7.56
CA THR A 190 -1.46 -17.69 6.47
C THR A 190 -1.80 -16.20 6.60
N VAL A 191 -3.04 -15.88 7.00
CA VAL A 191 -3.50 -14.48 7.23
C VAL A 191 -3.01 -14.08 8.63
N ALA A 192 -1.81 -13.55 8.69
CA ALA A 192 -1.14 -13.23 9.95
C ALA A 192 -1.67 -11.92 10.54
N ALA A 193 -2.24 -11.07 9.71
CA ALA A 193 -2.58 -9.71 10.15
C ALA A 193 -3.64 -9.12 9.22
N ILE A 194 -4.43 -8.22 9.77
CA ILE A 194 -5.48 -7.53 9.00
C ILE A 194 -5.50 -6.06 9.40
N GLU A 195 -5.58 -5.17 8.42
CA GLU A 195 -5.47 -3.71 8.58
C GLU A 195 -6.85 -3.08 8.62
N ALA A 196 -7.10 -2.28 9.64
CA ALA A 196 -8.43 -1.66 9.91
C ALA A 196 -8.91 -0.88 8.68
N ILE A 197 -8.05 0.00 8.17
CA ILE A 197 -8.41 0.86 7.03
C ILE A 197 -7.13 1.49 6.48
N ASN A 198 -7.01 1.49 5.16
CA ASN A 198 -5.84 2.16 4.55
C ASN A 198 -5.93 3.70 4.65
N GLU A 199 -4.86 4.35 5.13
CA GLU A 199 -4.66 5.84 5.06
C GLU A 199 -5.97 6.57 5.36
N PRO A 200 -6.51 6.42 6.59
CA PRO A 200 -7.58 7.31 7.05
C PRO A 200 -6.95 8.71 7.15
N ASN A 201 -7.59 9.70 6.52
CA ASN A 201 -6.91 10.99 6.30
C ASN A 201 -7.26 11.99 7.41
N ILE A 202 -6.53 11.95 8.52
CA ILE A 202 -6.77 12.84 9.68
C ILE A 202 -6.58 14.28 9.21
N PRO A 203 -5.48 14.67 8.54
CA PRO A 203 -5.27 16.05 8.11
C PRO A 203 -6.41 16.48 7.19
N GLY A 204 -6.99 15.53 6.49
CA GLY A 204 -8.07 15.78 5.53
C GLY A 204 -9.44 15.82 6.19
N GLY A 205 -9.54 15.60 7.49
CA GLY A 205 -10.80 15.80 8.22
C GLY A 205 -11.34 14.56 8.88
N VAL A 206 -10.68 13.42 8.75
CA VAL A 206 -11.08 12.22 9.54
C VAL A 206 -10.81 12.53 11.02
N ASP A 207 -11.84 12.37 11.83
CA ASP A 207 -11.79 12.70 13.28
C ASP A 207 -11.04 11.59 14.00
N GLN A 208 -9.97 11.96 14.69
CA GLN A 208 -9.10 10.97 15.38
C GLN A 208 -9.86 10.20 16.49
N GLY A 209 -10.67 10.88 17.31
CA GLY A 209 -11.48 10.20 18.36
C GLY A 209 -12.39 9.12 17.78
N LYS A 210 -13.12 9.42 16.72
CA LYS A 210 -14.01 8.46 16.05
C LYS A 210 -13.15 7.38 15.39
N LEU A 211 -12.00 7.75 14.82
CA LEU A 211 -11.09 6.72 14.27
C LEU A 211 -10.69 5.71 15.37
N GLN A 212 -10.32 6.19 16.56
CA GLN A 212 -9.89 5.31 17.66
C GLN A 212 -11.05 4.39 18.05
N GLU A 213 -12.29 4.87 17.99
CA GLU A 213 -13.45 4.00 18.30
C GLU A 213 -13.58 2.90 17.25
N TYR A 214 -13.41 3.26 15.97
CA TYR A 214 -13.44 2.30 14.84
C TYR A 214 -12.31 1.27 15.08
N TYR A 215 -11.13 1.76 15.43
CA TYR A 215 -9.98 0.88 15.75
C TYR A 215 -10.33 -0.10 16.87
N GLY A 216 -11.00 0.37 17.93
CA GLY A 216 -11.38 -0.50 19.06
C GLY A 216 -12.37 -1.58 18.60
N SER A 217 -13.31 -1.23 17.73
CA SER A 217 -14.31 -2.19 17.20
C SER A 217 -13.64 -3.21 16.31
N VAL A 218 -12.66 -2.77 15.50
CA VAL A 218 -11.91 -3.71 14.62
C VAL A 218 -11.19 -4.72 15.52
N TYR A 219 -10.48 -4.27 16.56
CA TYR A 219 -9.78 -5.19 17.49
C TYR A 219 -10.77 -6.23 18.05
N GLY A 220 -11.97 -5.80 18.44
CA GLY A 220 -12.97 -6.71 18.99
C GLY A 220 -13.40 -7.74 17.96
N ILE A 221 -13.53 -7.31 16.71
CA ILE A 221 -13.87 -8.23 15.60
C ILE A 221 -12.76 -9.28 15.46
N VAL A 222 -11.50 -8.87 15.38
CA VAL A 222 -10.36 -9.79 15.18
C VAL A 222 -10.37 -10.85 16.31
N ASN A 223 -10.49 -10.39 17.55
CA ASN A 223 -10.39 -11.31 18.70
C ASN A 223 -11.64 -12.13 18.89
N LYS A 224 -12.74 -11.84 18.21
CA LYS A 224 -13.91 -12.73 18.25
C LYS A 224 -13.55 -14.01 17.48
N TYR A 225 -12.80 -13.90 16.40
CA TYR A 225 -12.57 -15.01 15.46
C TYR A 225 -11.20 -15.66 15.64
N ASN A 226 -10.12 -14.92 15.80
CA ASN A 226 -8.76 -15.54 15.85
CA ASN A 226 -8.76 -15.55 15.86
C ASN A 226 -7.80 -14.62 16.58
N ALA A 227 -7.60 -14.88 17.84
CA ALA A 227 -6.72 -14.01 18.67
C ALA A 227 -5.28 -14.06 18.16
N GLY A 228 -4.86 -15.09 17.44
CA GLY A 228 -3.50 -15.20 16.89
C GLY A 228 -3.21 -14.16 15.80
N THR A 229 -4.25 -13.58 15.19
CA THR A 229 -4.10 -12.67 14.05
C THR A 229 -3.79 -11.27 14.60
N SER A 230 -2.76 -10.60 14.07
CA SER A 230 -2.42 -9.24 14.53
C SER A 230 -3.34 -8.23 13.90
N VAL A 231 -3.59 -7.12 14.61
CA VAL A 231 -4.39 -6.01 14.11
C VAL A 231 -3.41 -4.94 13.63
N VAL A 232 -3.62 -4.41 12.42
CA VAL A 232 -2.72 -3.35 11.89
C VAL A 232 -3.51 -2.03 11.79
N TYR A 233 -2.94 -0.99 12.37
CA TYR A 233 -3.50 0.37 12.35
C TYR A 233 -2.60 1.33 11.58
N GLY A 234 -3.19 1.96 10.57
CA GLY A 234 -2.54 3.13 9.95
C GLY A 234 -2.42 4.30 10.92
N ASP A 235 -1.36 5.10 10.78
CA ASP A 235 -1.09 6.25 11.65
C ASP A 235 -1.95 7.45 11.23
N GLY A 236 -2.71 7.36 10.13
CA GLY A 236 -3.60 8.45 9.70
C GLY A 236 -2.86 9.71 9.27
N PHE A 237 -1.59 9.60 8.87
CA PHE A 237 -0.66 10.69 8.48
C PHE A 237 -0.19 11.47 9.70
N LEU A 238 -0.53 11.07 10.91
CA LEU A 238 0.13 11.64 12.11
C LEU A 238 1.45 10.93 12.25
N PRO A 239 2.41 11.52 12.98
CA PRO A 239 3.63 10.80 13.31
C PRO A 239 3.31 9.47 13.98
N VAL A 240 3.96 8.41 13.52
CA VAL A 240 3.57 7.06 14.00
C VAL A 240 3.74 6.99 15.54
N GLU A 241 4.74 7.65 16.12
CA GLU A 241 4.95 7.65 17.58
C GLU A 241 3.84 8.41 18.33
N SER A 242 3.03 9.26 17.67
CA SER A 242 1.89 9.94 18.32
CA SER A 242 1.82 9.93 18.22
C SER A 242 0.83 8.91 18.76
N TRP A 243 0.86 7.70 18.24
CA TRP A 243 -0.07 6.59 18.59
C TRP A 243 0.43 5.82 19.81
N ASN A 244 1.53 6.27 20.41
CA ASN A 244 2.03 5.60 21.63
C ASN A 244 0.93 5.69 22.69
N GLY A 245 0.71 4.61 23.46
CA GLY A 245 -0.32 4.60 24.49
C GLY A 245 -1.68 4.10 24.00
N PHE A 246 -1.81 3.85 22.70
CA PHE A 246 -3.05 3.31 22.12
C PHE A 246 -2.83 1.87 21.72
N LYS A 247 -3.55 0.93 22.35
CA LYS A 247 -3.54 -0.53 22.00
C LYS A 247 -2.10 -1.02 21.90
N THR A 248 -1.26 -0.68 22.88
CA THR A 248 0.12 -1.17 22.92
C THR A 248 0.16 -2.60 23.46
N GLU A 249 0.40 -3.60 22.61
CA GLU A 249 0.22 -5.02 22.98
C GLU A 249 1.26 -5.92 22.34
N GLY A 250 2.51 -5.49 22.22
CA GLY A 250 3.56 -6.38 21.68
C GLY A 250 3.30 -6.79 20.23
N SER A 251 3.43 -8.07 19.90
CA SER A 251 3.19 -8.55 18.51
C SER A 251 1.72 -8.36 18.08
N LYS A 252 0.76 -8.12 18.98
CA LYS A 252 -0.67 -8.21 18.65
C LYS A 252 -1.10 -7.01 17.77
N VAL A 253 -0.59 -5.81 18.10
CA VAL A 253 -1.07 -4.55 17.44
C VAL A 253 0.14 -3.92 16.74
N VAL A 254 0.03 -3.77 15.44
CA VAL A 254 1.15 -3.32 14.59
C VAL A 254 0.74 -2.01 13.94
N MET A 255 1.58 -0.99 14.06
CA MET A 255 1.34 0.29 13.36
C MET A 255 1.84 0.14 11.91
N ASP A 256 1.16 0.84 11.01
CA ASP A 256 1.51 0.88 9.59
C ASP A 256 1.75 2.34 9.25
N THR A 257 3.00 2.67 8.92
CA THR A 257 3.36 4.03 8.43
C THR A 257 3.80 3.90 6.98
N HIS A 258 3.47 4.89 6.18
CA HIS A 258 3.78 4.88 4.73
C HIS A 258 4.86 5.96 4.50
N HIS A 259 5.95 5.59 3.86
CA HIS A 259 7.06 6.56 3.70
C HIS A 259 7.33 6.78 2.20
N TYR A 260 7.00 7.97 1.74
CA TYR A 260 7.13 8.37 0.32
C TYR A 260 7.83 9.74 0.25
N HIS A 261 8.67 9.94 -0.77
CA HIS A 261 9.38 11.23 -0.95
C HIS A 261 8.81 12.10 -2.08
N MET A 262 7.72 11.72 -2.74
CA MET A 262 7.25 12.48 -3.90
C MET A 262 5.93 13.23 -3.67
N PHE A 263 5.32 13.16 -2.49
CA PHE A 263 4.04 13.83 -2.22
C PHE A 263 4.24 15.07 -1.35
N ASP A 264 5.46 15.51 -1.18
CA ASP A 264 5.87 16.58 -0.24
C ASP A 264 6.83 17.45 -1.01
N ASN A 265 6.58 18.75 -1.09
CA ASN A 265 7.41 19.63 -1.96
C ASN A 265 8.81 19.81 -1.35
N GLY A 266 9.04 19.55 -0.08
CA GLY A 266 10.42 19.56 0.45
C GLY A 266 11.20 18.32 0.06
N LEU A 267 10.63 17.14 0.24
CA LEU A 267 11.36 15.89 -0.05
C LEU A 267 11.61 15.76 -1.55
N ILE A 268 10.65 16.18 -2.36
CA ILE A 268 10.77 15.93 -3.82
C ILE A 268 11.90 16.78 -4.42
N ALA A 269 12.32 17.84 -3.75
CA ALA A 269 13.41 18.72 -4.27
C ALA A 269 14.79 18.15 -3.92
N MET A 270 14.89 17.04 -3.18
CA MET A 270 16.20 16.58 -2.68
C MET A 270 16.99 15.90 -3.79
N ASP A 271 18.31 15.87 -3.62
CA ASP A 271 19.18 14.98 -4.37
C ASP A 271 19.26 13.62 -3.70
N ILE A 272 19.91 12.68 -4.35
CA ILE A 272 19.95 11.29 -3.87
C ILE A 272 20.56 11.24 -2.48
N ASP A 273 21.63 11.98 -2.22
CA ASP A 273 22.26 11.88 -0.88
C ASP A 273 21.27 12.38 0.19
N SER A 274 20.56 13.47 -0.08
CA SER A 274 19.58 14.07 0.86
C SER A 274 18.39 13.11 1.06
N HIS A 275 17.94 12.46 -0.01
CA HIS A 275 16.87 11.42 0.08
C HIS A 275 17.28 10.35 1.09
N ILE A 276 18.49 9.85 0.96
CA ILE A 276 19.02 8.76 1.82
C ILE A 276 19.12 9.28 3.25
N ASP A 277 19.60 10.50 3.46
CA ASP A 277 19.65 11.12 4.82
C ASP A 277 18.24 11.17 5.43
N ALA A 278 17.23 11.58 4.66
CA ALA A 278 15.84 11.75 5.14
C ALA A 278 15.31 10.36 5.56
N VAL A 279 15.68 9.31 4.85
CA VAL A 279 15.19 7.94 5.19
C VAL A 279 15.75 7.55 6.56
N CYS A 280 17.06 7.70 6.78
CA CYS A 280 17.68 7.37 8.08
CA CYS A 280 17.69 7.37 8.10
C CYS A 280 17.05 8.22 9.19
N GLN A 281 16.85 9.51 8.93
CA GLN A 281 16.27 10.46 9.93
C GLN A 281 14.87 9.94 10.27
N PHE A 282 14.12 9.50 9.26
CA PHE A 282 12.74 9.01 9.51
C PHE A 282 12.79 7.81 10.45
N ALA A 283 13.74 6.88 10.22
CA ALA A 283 13.85 5.63 11.00
C ALA A 283 14.20 6.03 12.44
N HIS A 284 15.14 6.97 12.61
CA HIS A 284 15.55 7.40 13.97
C HIS A 284 14.48 8.18 14.70
N GLN A 285 13.81 9.13 14.04
CA GLN A 285 12.88 10.05 14.73
C GLN A 285 11.54 9.38 14.91
N HIS A 286 11.12 8.52 13.99
CA HIS A 286 9.74 8.01 14.00
C HIS A 286 9.71 6.51 14.31
N LEU A 287 10.38 5.67 13.52
CA LEU A 287 10.22 4.21 13.71
C LEU A 287 10.74 3.85 15.10
N GLU A 288 11.93 4.35 15.48
CA GLU A 288 12.55 3.93 16.75
C GLU A 288 11.79 4.55 17.94
N ALA A 289 10.85 5.49 17.73
CA ALA A 289 10.14 6.22 18.80
C ALA A 289 8.82 5.54 19.16
N SER A 290 8.40 4.56 18.38
CA SER A 290 7.07 3.91 18.56
C SER A 290 7.19 2.81 19.60
N ASP A 291 6.14 2.71 20.41
CA ASP A 291 6.04 1.71 21.50
C ASP A 291 5.43 0.39 20.99
N LYS A 292 5.18 0.28 19.69
CA LYS A 292 4.60 -0.93 19.07
C LYS A 292 5.51 -1.35 17.95
N PRO A 293 5.35 -2.58 17.43
CA PRO A 293 5.94 -2.91 16.14
C PRO A 293 5.37 -1.91 15.12
N VAL A 294 6.23 -1.47 14.19
CA VAL A 294 5.86 -0.55 13.09
C VAL A 294 6.36 -1.16 11.79
N ILE A 295 5.44 -1.44 10.87
CA ILE A 295 5.88 -1.76 9.49
C ILE A 295 5.84 -0.49 8.68
N VAL A 296 6.80 -0.31 7.79
CA VAL A 296 6.65 0.72 6.74
C VAL A 296 5.89 -0.03 5.64
N GLY A 297 4.57 0.00 5.74
CA GLY A 297 3.71 -0.86 4.94
C GLY A 297 3.59 -0.43 3.52
N GLU A 298 4.06 0.77 3.18
CA GLU A 298 4.22 1.26 1.80
C GLU A 298 5.45 2.15 1.79
N TRP A 299 6.20 2.01 0.73
CA TRP A 299 7.39 2.80 0.39
C TRP A 299 7.74 2.36 -1.05
N THR A 300 8.64 3.07 -1.71
CA THR A 300 8.94 2.69 -3.11
C THR A 300 10.36 3.13 -3.52
N GLY A 301 10.74 2.79 -4.74
CA GLY A 301 12.08 3.08 -5.26
C GLY A 301 12.14 4.42 -5.98
N ALA A 302 10.99 4.92 -6.45
CA ALA A 302 10.81 6.23 -7.10
C ALA A 302 11.04 7.38 -6.14
N VAL A 303 11.65 8.47 -6.62
CA VAL A 303 11.81 9.70 -5.80
C VAL A 303 11.10 10.87 -6.48
N THR A 304 10.35 10.64 -7.55
CA THR A 304 9.54 11.69 -8.17
C THR A 304 8.10 11.20 -8.27
N ASP A 305 7.21 12.11 -8.61
CA ASP A 305 5.77 11.83 -8.80
C ASP A 305 5.45 11.86 -10.28
N CYS A 306 6.40 11.48 -11.14
CA CYS A 306 6.27 11.51 -12.61
C CYS A 306 5.36 10.42 -13.15
N ALA A 307 5.21 9.27 -12.46
CA ALA A 307 4.42 8.14 -12.97
C ALA A 307 3.05 8.62 -13.45
N LYS A 308 2.72 8.23 -14.67
CA LYS A 308 1.48 8.61 -15.35
C LYS A 308 0.29 8.36 -14.43
N TYR A 309 -0.50 9.40 -14.19
CA TYR A 309 -1.74 9.40 -13.36
C TYR A 309 -1.47 9.19 -11.86
N LEU A 310 -0.24 9.25 -11.36
CA LEU A 310 -0.01 9.00 -9.91
C LEU A 310 -0.83 9.95 -9.03
N ASN A 311 -0.94 11.22 -9.39
CA ASN A 311 -1.71 12.23 -8.60
C ASN A 311 -3.17 12.24 -9.02
N GLY A 312 -3.56 11.29 -9.84
CA GLY A 312 -4.92 11.14 -10.34
C GLY A 312 -4.92 11.26 -11.85
N LYS A 313 -5.81 10.52 -12.49
CA LYS A 313 -5.97 10.62 -13.95
C LYS A 313 -6.42 12.04 -14.29
N GLY A 314 -5.71 12.69 -15.20
CA GLY A 314 -6.07 14.07 -15.58
C GLY A 314 -5.18 15.07 -14.86
N ASN A 315 -4.40 14.62 -13.88
CA ASN A 315 -3.53 15.50 -13.09
C ASN A 315 -2.06 15.29 -13.45
N GLY A 316 -1.26 16.31 -13.23
CA GLY A 316 0.18 16.29 -13.53
C GLY A 316 1.04 15.85 -12.37
N ALA A 317 2.23 16.42 -12.33
CA ALA A 317 3.30 16.08 -11.39
C ALA A 317 3.81 17.33 -10.71
N ARG A 318 4.13 17.21 -9.41
CA ARG A 318 4.93 18.24 -8.75
C ARG A 318 6.28 18.39 -9.45
N TYR A 319 6.90 17.28 -9.81
CA TYR A 319 8.31 17.32 -10.21
C TYR A 319 8.54 18.25 -11.42
N ASP A 320 7.62 18.28 -12.36
CA ASP A 320 7.74 19.10 -13.61
C ASP A 320 6.90 20.38 -13.52
N GLY A 321 6.45 20.75 -12.33
CA GLY A 321 5.69 21.99 -12.13
C GLY A 321 4.27 21.93 -12.63
N SER A 322 3.68 20.78 -12.89
CA SER A 322 2.31 20.70 -13.44
C SER A 322 1.26 20.33 -12.39
N TYR A 323 1.64 20.05 -11.15
CA TYR A 323 0.67 19.72 -10.08
C TYR A 323 1.14 20.31 -8.77
N ALA A 324 0.35 21.17 -8.11
CA ALA A 324 0.61 21.66 -6.73
C ALA A 324 1.96 22.32 -6.61
N ALA A 325 2.43 23.04 -7.60
CA ALA A 325 3.83 23.52 -7.59
C ALA A 325 3.94 24.85 -8.32
N ASP A 326 5.01 25.59 -8.00
CA ASP A 326 5.27 26.93 -8.58
C ASP A 326 6.28 26.83 -9.75
N LYS A 327 7.02 25.72 -9.87
CA LYS A 327 8.30 25.64 -10.63
C LYS A 327 8.50 24.16 -10.95
N ALA A 328 9.16 23.84 -12.05
CA ALA A 328 9.62 22.45 -12.30
C ALA A 328 10.95 22.26 -11.58
N ILE A 329 11.13 21.11 -10.95
CA ILE A 329 12.44 20.61 -10.50
C ILE A 329 13.14 19.94 -11.69
N GLY A 330 12.40 19.23 -12.53
CA GLY A 330 12.99 18.49 -13.67
C GLY A 330 11.88 18.08 -14.60
N ASP A 331 12.14 17.16 -15.54
CA ASP A 331 11.20 16.76 -16.59
C ASP A 331 10.75 15.33 -16.25
N CYS A 332 9.52 15.00 -16.61
CA CYS A 332 8.92 13.69 -16.26
C CYS A 332 8.91 12.73 -17.45
N SER A 333 9.49 13.09 -18.61
CA SER A 333 9.33 12.24 -19.83
C SER A 333 9.86 10.82 -19.61
N SER A 334 11.04 10.67 -19.03
CA SER A 334 11.72 9.38 -18.80
C SER A 334 11.03 8.55 -17.69
N LEU A 335 10.56 9.20 -16.62
CA LEU A 335 10.09 8.48 -15.40
C LEU A 335 8.57 8.33 -15.38
N ALA A 336 7.86 8.76 -16.40
CA ALA A 336 6.37 8.68 -16.40
C ALA A 336 5.89 7.24 -16.69
N THR A 337 6.58 6.53 -17.58
CA THR A 337 6.10 5.24 -18.13
C THR A 337 7.32 4.33 -18.33
N GLY A 338 7.04 3.07 -18.64
CA GLY A 338 8.06 2.09 -19.05
C GLY A 338 8.76 1.42 -17.89
N PHE A 339 9.89 0.77 -18.19
CA PHE A 339 10.55 -0.16 -17.27
C PHE A 339 12.01 0.25 -17.13
N VAL A 340 12.62 -0.16 -16.04
CA VAL A 340 13.90 0.49 -15.64
C VAL A 340 15.05 0.11 -16.58
N SER A 341 14.87 -0.91 -17.41
CA SER A 341 15.90 -1.28 -18.41
C SER A 341 16.16 -0.10 -19.35
N LYS A 342 15.24 0.83 -19.49
CA LYS A 342 15.46 1.96 -20.42
C LYS A 342 16.31 3.06 -19.77
N LEU A 343 16.53 3.06 -18.47
CA LEU A 343 17.30 4.13 -17.80
C LEU A 343 18.80 3.89 -18.02
N SER A 344 19.62 4.83 -17.58
CA SER A 344 21.10 4.69 -17.60
C SER A 344 21.59 3.84 -16.44
N ASP A 345 22.84 3.42 -16.52
CA ASP A 345 23.46 2.68 -15.39
C ASP A 345 23.49 3.56 -14.14
N GLU A 346 23.78 4.84 -14.27
CA GLU A 346 23.82 5.73 -13.09
C GLU A 346 22.42 5.88 -12.47
N GLU A 347 21.38 6.01 -13.29
CA GLU A 347 19.98 6.08 -12.79
C GLU A 347 19.63 4.79 -12.04
N ARG A 348 19.91 3.61 -12.59
CA ARG A 348 19.60 2.34 -11.90
C ARG A 348 20.38 2.24 -10.59
N SER A 349 21.62 2.75 -10.60
CA SER A 349 22.54 2.69 -9.47
C SER A 349 21.98 3.55 -8.32
N ASP A 350 21.63 4.79 -8.62
CA ASP A 350 21.04 5.74 -7.64
C ASP A 350 19.72 5.16 -7.10
N MET A 351 18.89 4.55 -7.94
CA MET A 351 17.63 3.93 -7.46
C MET A 351 17.96 2.81 -6.47
N ARG A 352 18.94 1.96 -6.78
CA ARG A 352 19.30 0.86 -5.88
C ARG A 352 19.84 1.44 -4.56
N ARG A 353 20.63 2.52 -4.62
CA ARG A 353 21.16 3.14 -3.39
C ARG A 353 20.00 3.56 -2.47
N PHE A 354 18.98 4.17 -3.07
CA PHE A 354 17.78 4.63 -2.33
C PHE A 354 17.06 3.43 -1.73
N ILE A 355 16.94 2.34 -2.49
CA ILE A 355 16.21 1.13 -2.01
C ILE A 355 16.99 0.49 -0.86
N GLU A 356 18.31 0.32 -1.02
CA GLU A 356 19.13 -0.36 0.02
C GLU A 356 19.04 0.44 1.31
N ALA A 357 19.08 1.78 1.21
CA ALA A 357 19.03 2.63 2.42
C ALA A 357 17.70 2.38 3.15
N GLN A 358 16.60 2.33 2.40
CA GLN A 358 15.25 2.06 2.97
C GLN A 358 15.19 0.66 3.59
N LEU A 359 15.64 -0.40 2.90
CA LEU A 359 15.66 -1.76 3.49
C LEU A 359 16.39 -1.69 4.85
N ASP A 360 17.58 -1.10 4.90
CA ASP A 360 18.39 -1.14 6.13
C ASP A 360 17.75 -0.26 7.19
N ALA A 361 17.21 0.89 6.82
CA ALA A 361 16.59 1.81 7.82
C ALA A 361 15.33 1.14 8.39
N PHE A 362 14.53 0.53 7.52
CA PHE A 362 13.20 0.01 7.95
C PHE A 362 13.38 -1.29 8.74
N GLU A 363 14.47 -2.02 8.49
CA GLU A 363 14.78 -3.21 9.33
C GLU A 363 15.34 -2.82 10.70
N LEU A 364 15.58 -1.57 11.01
CA LEU A 364 16.00 -1.18 12.39
C LEU A 364 14.83 -1.41 13.33
N LYS A 365 13.59 -1.32 12.83
CA LYS A 365 12.36 -1.42 13.62
C LYS A 365 11.71 -2.77 13.33
N SER A 366 10.73 -2.88 12.45
CA SER A 366 10.01 -4.18 12.29
C SER A 366 9.93 -4.61 10.83
N GLY A 367 10.52 -3.86 9.92
CA GLY A 367 10.54 -4.22 8.49
C GLY A 367 9.59 -3.38 7.66
N TRP A 368 9.24 -3.95 6.52
CA TRP A 368 8.84 -3.13 5.34
C TRP A 368 7.98 -3.92 4.38
N VAL A 369 7.20 -3.18 3.59
CA VAL A 369 6.31 -3.73 2.54
C VAL A 369 6.32 -2.77 1.38
N PHE A 370 7.00 -3.17 0.30
CA PHE A 370 7.17 -2.31 -0.90
C PHE A 370 5.84 -2.09 -1.60
N TRP A 371 5.64 -0.89 -2.13
CA TRP A 371 4.51 -0.58 -3.04
C TRP A 371 5.10 -0.30 -4.43
N THR A 372 4.86 -1.14 -5.44
CA THR A 372 3.94 -2.28 -5.48
C THR A 372 4.60 -3.40 -6.32
N TRP A 373 3.96 -4.57 -6.40
CA TRP A 373 4.52 -5.74 -7.10
C TRP A 373 4.59 -5.54 -8.61
N LYS A 374 3.56 -5.00 -9.20
CA LYS A 374 3.37 -5.03 -10.67
C LYS A 374 2.60 -3.80 -11.18
N THR A 375 3.01 -3.27 -12.32
CA THR A 375 2.40 -2.07 -12.92
C THR A 375 2.36 -2.29 -14.42
N GLU A 376 1.82 -1.34 -15.18
CA GLU A 376 1.94 -1.32 -16.66
C GLU A 376 3.19 -0.54 -17.07
N GLY A 377 4.07 -0.20 -16.12
CA GLY A 377 5.36 0.48 -16.37
C GLY A 377 5.41 1.83 -15.69
N ALA A 378 5.91 1.85 -14.46
CA ALA A 378 6.02 3.08 -13.65
C ALA A 378 7.39 3.00 -13.03
N PRO A 379 8.43 3.58 -13.66
CA PRO A 379 9.79 3.42 -13.18
C PRO A 379 10.00 3.68 -11.70
N GLY A 380 10.56 2.67 -11.02
CA GLY A 380 10.90 2.71 -9.59
C GLY A 380 9.78 2.19 -8.71
N TRP A 381 8.60 1.93 -9.26
CA TRP A 381 7.41 1.54 -8.45
C TRP A 381 7.11 0.04 -8.55
N ASP A 382 7.80 -0.67 -9.43
CA ASP A 382 7.37 -2.02 -9.86
C ASP A 382 8.39 -3.02 -9.35
N MET A 383 8.12 -3.69 -8.23
CA MET A 383 9.11 -4.61 -7.67
C MET A 383 9.44 -5.73 -8.64
N SER A 384 8.46 -6.28 -9.32
CA SER A 384 8.74 -7.39 -10.26
C SER A 384 9.74 -6.94 -11.35
N ASP A 385 9.66 -5.69 -11.80
CA ASP A 385 10.62 -5.04 -12.72
C ASP A 385 11.99 -4.90 -12.04
N LEU A 386 12.05 -4.28 -10.87
CA LEU A 386 13.34 -3.92 -10.22
C LEU A 386 14.09 -5.23 -9.89
N LEU A 387 13.40 -6.27 -9.47
CA LEU A 387 14.04 -7.57 -9.16
C LEU A 387 14.76 -8.12 -10.37
N GLU A 388 14.06 -8.23 -11.47
CA GLU A 388 14.63 -8.80 -12.71
C GLU A 388 15.78 -7.92 -13.20
N ALA A 389 15.70 -6.61 -13.07
CA ALA A 389 16.74 -5.67 -13.52
C ALA A 389 17.96 -5.66 -12.57
N GLY A 390 17.92 -6.32 -11.43
CA GLY A 390 19.09 -6.31 -10.50
C GLY A 390 19.14 -5.03 -9.69
N VAL A 391 18.04 -4.31 -9.62
CA VAL A 391 17.90 -3.06 -8.81
C VAL A 391 17.46 -3.41 -7.38
N PHE A 392 16.58 -4.39 -7.21
CA PHE A 392 15.97 -4.71 -5.90
C PHE A 392 16.75 -5.85 -5.25
N PRO A 393 17.34 -5.68 -4.06
CA PRO A 393 18.05 -6.77 -3.38
C PRO A 393 17.17 -7.99 -3.04
N THR A 394 17.75 -9.18 -3.00
CA THR A 394 17.00 -10.44 -2.75
C THR A 394 17.31 -11.02 -1.37
N SER A 395 18.00 -10.28 -0.51
CA SER A 395 18.26 -10.73 0.87
C SER A 395 18.89 -9.59 1.64
N PRO A 396 18.92 -9.66 2.97
CA PRO A 396 19.60 -8.64 3.76
C PRO A 396 21.12 -8.59 3.50
N ASP A 397 21.69 -9.66 2.94
CA ASP A 397 23.16 -9.69 2.65
C ASP A 397 23.44 -9.20 1.23
N ASP A 398 22.39 -8.94 0.43
CA ASP A 398 22.58 -8.52 -0.98
C ASP A 398 22.70 -7.00 -0.97
N ARG A 399 23.91 -6.48 -0.83
CA ARG A 399 24.12 -5.02 -0.75
C ARG A 399 25.28 -4.66 -1.69
N GLU A 400 25.09 -3.72 -2.58
CA GLU A 400 26.17 -3.20 -3.44
C GLU A 400 26.81 -1.94 -2.86
N PHE A 401 26.19 -1.34 -1.85
CA PHE A 401 26.63 -0.07 -1.27
C PHE A 401 26.79 -0.28 0.21
N PRO A 402 27.65 0.50 0.89
CA PRO A 402 27.75 0.45 2.34
C PRO A 402 26.40 0.75 3.01
N LYS A 403 26.23 0.20 4.19
CA LYS A 403 25.01 0.36 5.03
C LYS A 403 24.88 1.84 5.34
N GLN A 404 23.72 2.44 5.08
CA GLN A 404 23.53 3.90 5.12
C GLN A 404 22.89 4.34 6.43
N CYS A 405 22.28 3.44 7.18
CA CYS A 405 21.54 3.76 8.43
CA CYS A 405 21.55 3.80 8.44
C CYS A 405 21.88 2.72 9.48
N HIS A 406 22.08 3.13 10.74
CA HIS A 406 22.48 2.23 11.86
C HIS A 406 21.61 2.49 13.08
N HIS A 407 21.70 1.65 14.11
CA HIS A 407 20.98 1.88 15.41
C HIS A 407 21.47 3.16 16.12
C2 BGC B . -1.63 9.75 -3.19
C2 BGC B . -0.13 12.93 1.57
C3 BGC B . -2.20 10.73 -2.19
C3 BGC B . -0.37 12.53 0.13
C4 BGC B . -2.07 12.11 -2.75
C4 BGC B . -1.59 13.31 -0.47
C5 BGC B . -2.58 12.20 -4.20
C5 BGC B . -1.63 14.83 -0.13
C6 BGC B . -2.23 13.56 -4.82
C6 BGC B . -3.08 15.39 -0.11
C1 BGC B . -2.38 9.75 -4.50
C1 BGC B . 0.09 14.42 1.63
O1 BGC B . -1.86 8.72 -5.43
O1 BGC B . 0.39 14.73 3.00
O2 BGC B . -1.53 8.54 -2.41
O2 BGC B . 1.06 12.27 2.06
O3 BGC B . -1.45 10.59 -0.94
O3 BGC B . -0.44 11.08 0.09
O4 BGC B . -2.85 12.99 -1.87
O4 BGC B . -1.69 13.16 -1.92
O5 BGC B . -2.21 11.11 -5.06
O5 BGC B . -1.07 15.14 1.17
O6 BGC B . -0.88 13.84 -4.76
O6 BGC B . -3.81 15.17 -1.35
C2 BGC B . -3.00 14.97 -0.58
C2 BGC B . -2.64 11.45 -3.59
C3 BGC B . -2.30 15.87 0.45
C3 BGC B . -3.05 9.98 -3.47
C4 BGC B . -1.52 15.04 1.49
C4 BGC B . -1.85 9.18 -3.04
C5 BGC B . -0.67 13.86 0.88
C5 BGC B . -1.43 9.72 -1.67
C6 BGC B . -0.20 12.77 1.87
C6 BGC B . -0.45 8.94 -0.85
C1 BGC B . -2.03 13.91 -1.16
C1 BGC B . -2.11 11.82 -2.20
O2 BGC B . -3.68 15.76 -1.60
O2 BGC B . -3.82 12.19 -3.99
O3 BGC B . -3.35 16.67 1.03
O3 BGC B . -3.71 9.42 -4.60
O4 BGC B . -0.66 15.98 2.19
O4 BGC B . -2.26 7.85 -2.93
O5 BGC B . -1.33 13.14 -0.19
O5 BGC B . -0.98 11.04 -1.85
O6 BGC B . 0.91 11.99 1.37
O6 BGC B . -1.44 8.17 -0.19
C2 BGC C . -1.87 4.40 -1.42
C3 BGC C . -1.82 3.58 -2.74
C4 BGC C . -1.26 4.41 -3.94
C5 BGC C . 0.06 5.16 -3.60
C6 BGC C . 0.42 6.27 -4.65
C1 BGC C . -0.54 5.10 -1.19
O1 BGC C . -0.70 6.15 -0.32
O2 BGC C . -2.21 3.55 -0.29
O3 BGC C . -3.11 2.99 -3.00
O4 BGC C . -1.12 3.66 -5.11
O5 BGC C . -0.13 5.89 -2.38
O6 BGC C . -0.65 7.24 -5.14
C2 BGC D . 6.88 11.79 6.09
C3 BGC D . 6.75 10.54 5.21
C4 BGC D . 5.45 10.60 4.41
C5 BGC D . 5.27 11.94 3.60
C6 BGC D . 3.91 11.96 2.85
C1 BGC D . 6.57 13.13 5.37
O1 BGC D . 6.11 14.03 6.39
O2 BGC D . 8.21 11.74 6.57
O3 BGC D . 6.88 9.37 6.04
O4 BGC D . 5.36 9.56 3.45
O5 BGC D . 5.50 13.13 4.41
O6 BGC D . 3.88 13.09 1.98
NA NA E . -5.07 -15.60 10.96
#